data_4I4Y
#
_entry.id   4I4Y
#
_cell.length_a   66.390
_cell.length_b   70.110
_cell.length_c   71.520
_cell.angle_alpha   90.00
_cell.angle_beta   106.67
_cell.angle_gamma   90.00
#
_symmetry.space_group_name_H-M   'P 1 21 1'
#
loop_
_entity.id
_entity.type
_entity.pdbx_description
1 polymer 'BEL beta-trefoil'
2 branched beta-D-galactopyranose-(1-3)-2-acetamido-2-deoxy-alpha-D-galactopyranose
3 non-polymer 2-AMINO-2-HYDROXYMETHYL-PROPANE-1,3-DIOL
4 non-polymer SERINE
5 water water
#
_entity_poly.entity_id   1
_entity_poly.type   'polypeptide(L)'
_entity_poly.pdbx_seq_one_letter_code
;VNFPNIPAEGVQFRLRARDTGYVIYSRTENPPLVWQYNGPPYDDQLFTLIYGTGPRKNLYAIKSVPNGRVLFSRTSASPY
VGNIAGDGTYNDNWFQFIQDDNDPNSFRIYNLASDTVLYSRTTADPKFGNFTGAKYDDQLWHFELV
;
_entity_poly.pdbx_strand_id   A,B,C,D
#
# COMPACT_ATOMS: atom_id res chain seq x y z
N VAL A 1 -14.52 16.26 4.19
CA VAL A 1 -15.56 16.98 4.98
C VAL A 1 -16.41 15.93 5.72
N ASN A 2 -16.63 16.15 7.01
CA ASN A 2 -17.54 15.31 7.77
C ASN A 2 -18.96 15.39 7.24
N PHE A 3 -19.65 14.25 7.18
CA PHE A 3 -21.03 14.18 6.76
C PHE A 3 -21.85 15.14 7.64
N PRO A 4 -22.66 16.02 7.02
CA PRO A 4 -23.33 17.06 7.81
C PRO A 4 -24.60 16.61 8.54
N ASN A 5 -25.04 15.38 8.31
CA ASN A 5 -26.27 14.85 8.91
CA ASN A 5 -26.27 14.86 8.95
C ASN A 5 -26.04 13.54 9.67
N ILE A 6 -25.13 13.58 10.64
CA ILE A 6 -24.83 12.46 11.49
C ILE A 6 -25.93 12.41 12.56
N PRO A 7 -26.57 11.25 12.75
CA PRO A 7 -27.67 11.17 13.73
C PRO A 7 -27.22 11.59 15.11
N ALA A 8 -28.12 12.25 15.84
CA ALA A 8 -27.85 12.64 17.23
C ALA A 8 -27.48 11.41 18.05
N GLU A 9 -26.71 11.62 19.13
CA GLU A 9 -26.31 10.53 20.00
C GLU A 9 -27.55 9.83 20.57
N GLY A 10 -27.57 8.50 20.50
CA GLY A 10 -28.71 7.71 20.97
C GLY A 10 -29.83 7.46 19.97
N VAL A 11 -29.83 8.18 18.84
CA VAL A 11 -30.86 7.99 17.81
C VAL A 11 -30.54 6.71 17.03
N GLN A 12 -31.55 5.84 16.85
CA GLN A 12 -31.34 4.53 16.24
C GLN A 12 -31.47 4.55 14.72
N PHE A 13 -30.64 3.77 14.06
CA PHE A 13 -30.59 3.75 12.60
C PHE A 13 -30.01 2.44 12.08
N ARG A 14 -30.27 2.16 10.80
CA ARG A 14 -29.52 1.15 10.07
C ARG A 14 -28.45 1.83 9.23
N LEU A 15 -27.43 1.07 8.85
CA LEU A 15 -26.40 1.55 7.95
C LEU A 15 -26.61 0.79 6.64
N ARG A 16 -27.10 1.51 5.63
CA ARG A 16 -27.41 0.88 4.34
C ARG A 16 -26.44 1.35 3.27
N ALA A 17 -25.84 0.40 2.54
CA ALA A 17 -24.96 0.78 1.44
C ALA A 17 -25.78 1.40 0.31
N ARG A 18 -25.28 2.49 -0.26
CA ARG A 18 -25.97 3.21 -1.32
C ARG A 18 -26.27 2.34 -2.55
N ASP A 19 -25.25 1.65 -3.06
CA ASP A 19 -25.38 0.93 -4.32
C ASP A 19 -25.97 -0.49 -4.20
N THR A 20 -25.47 -1.28 -3.25
CA THR A 20 -26.03 -2.62 -3.05
C THR A 20 -27.40 -2.61 -2.35
N GLY A 21 -27.67 -1.57 -1.56
CA GLY A 21 -28.87 -1.55 -0.73
C GLY A 21 -28.81 -2.52 0.46
N TYR A 22 -27.64 -3.10 0.70
CA TYR A 22 -27.48 -4.06 1.80
C TYR A 22 -27.27 -3.31 3.10
N VAL A 23 -27.63 -3.92 4.22
CA VAL A 23 -27.36 -3.33 5.53
C VAL A 23 -26.34 -4.13 6.34
N ILE A 24 -25.69 -3.45 7.28
CA ILE A 24 -24.78 -4.11 8.21
C ILE A 24 -25.60 -4.75 9.33
N TYR A 25 -25.28 -5.99 9.68
CA TYR A 25 -25.78 -6.57 10.93
C TYR A 25 -24.60 -6.75 11.88
N SER A 26 -24.89 -6.75 13.17
CA SER A 26 -23.91 -7.07 14.21
C SER A 26 -24.55 -8.00 15.21
N ARG A 27 -24.15 -9.28 15.17
CA ARG A 27 -24.71 -10.29 16.07
C ARG A 27 -23.65 -10.81 17.03
N THR A 28 -24.04 -11.67 17.98
CA THR A 28 -23.12 -12.16 19.02
C THR A 28 -22.70 -13.63 18.87
N GLU A 29 -23.30 -14.32 17.91
CA GLU A 29 -22.96 -15.71 17.64
C GLU A 29 -22.90 -15.92 16.12
N ASN A 30 -22.13 -16.93 15.70
CA ASN A 30 -22.07 -17.38 14.31
C ASN A 30 -21.27 -16.48 13.36
N PRO A 31 -19.97 -16.78 13.18
CA PRO A 31 -19.15 -15.97 12.30
C PRO A 31 -19.70 -16.01 10.87
N PRO A 32 -19.68 -14.86 10.16
CA PRO A 32 -19.18 -13.55 10.61
C PRO A 32 -20.19 -12.80 11.49
N LEU A 33 -19.72 -12.32 12.65
CA LEU A 33 -20.57 -11.53 13.57
C LEU A 33 -21.03 -10.18 13.00
N VAL A 34 -20.21 -9.60 12.12
CA VAL A 34 -20.54 -8.38 11.40
C VAL A 34 -20.40 -8.66 9.91
N TRP A 35 -21.48 -8.42 9.17
CA TRP A 35 -21.47 -8.64 7.73
C TRP A 35 -22.60 -7.86 7.10
N GLN A 36 -22.69 -7.94 5.78
CA GLN A 36 -23.78 -7.32 5.06
C GLN A 36 -24.96 -8.28 4.90
N TYR A 37 -26.13 -7.71 4.64
CA TYR A 37 -27.37 -8.48 4.64
C TYR A 37 -28.44 -7.83 3.78
N ASN A 38 -29.21 -8.65 3.08
CA ASN A 38 -30.47 -8.20 2.50
C ASN A 38 -31.62 -9.11 2.89
N GLY A 39 -32.78 -8.51 3.13
CA GLY A 39 -33.93 -9.24 3.63
C GLY A 39 -34.61 -8.37 4.65
N PRO A 40 -35.62 -8.92 5.34
CA PRO A 40 -36.44 -8.16 6.30
C PRO A 40 -35.59 -7.49 7.37
N PRO A 41 -36.09 -6.38 7.95
CA PRO A 41 -35.37 -5.74 9.05
C PRO A 41 -35.41 -6.58 10.33
N TYR A 42 -34.25 -6.72 10.98
CA TYR A 42 -34.15 -7.36 12.28
C TYR A 42 -33.39 -6.45 13.23
N ASP A 43 -33.55 -6.69 14.53
CA ASP A 43 -32.97 -5.81 15.56
C ASP A 43 -31.45 -5.67 15.50
N ASP A 44 -30.73 -6.72 15.07
CA ASP A 44 -29.26 -6.63 15.05
C ASP A 44 -28.68 -5.78 13.89
N GLN A 45 -29.58 -5.20 13.10
CA GLN A 45 -29.20 -4.19 12.10
C GLN A 45 -29.26 -2.78 12.67
N LEU A 46 -29.71 -2.66 13.94
CA LEU A 46 -29.92 -1.35 14.55
C LEU A 46 -28.71 -0.90 15.33
N PHE A 47 -28.34 0.37 15.14
CA PHE A 47 -27.19 0.96 15.83
C PHE A 47 -27.50 2.36 16.34
N THR A 48 -26.73 2.80 17.35
CA THR A 48 -26.67 4.20 17.74
C THR A 48 -25.20 4.67 17.69
N LEU A 49 -24.99 5.97 17.86
CA LEU A 49 -23.62 6.50 17.90
C LEU A 49 -23.24 6.89 19.30
N ILE A 50 -22.02 6.55 19.70
CA ILE A 50 -21.41 7.19 20.86
C ILE A 50 -20.55 8.32 20.30
N TYR A 51 -20.82 9.54 20.75
CA TYR A 51 -20.07 10.72 20.27
C TYR A 51 -18.71 10.82 20.96
N GLY A 52 -17.64 10.89 20.17
CA GLY A 52 -16.30 11.11 20.69
C GLY A 52 -16.05 12.56 21.04
N THR A 53 -15.30 12.78 22.12
CA THR A 53 -14.90 14.11 22.57
C THR A 53 -13.39 14.18 22.75
N GLY A 54 -12.88 15.40 22.98
CA GLY A 54 -11.44 15.62 23.16
C GLY A 54 -10.66 15.02 22.01
N PRO A 55 -9.73 14.10 22.30
CA PRO A 55 -8.99 13.45 21.22
C PRO A 55 -9.86 12.73 20.19
N ARG A 56 -11.07 12.33 20.59
CA ARG A 56 -11.97 11.63 19.68
C ARG A 56 -13.06 12.51 19.06
N LYS A 57 -12.88 13.84 19.16
CA LYS A 57 -13.77 14.78 18.48
C LYS A 57 -13.84 14.44 16.99
N ASN A 58 -15.07 14.37 16.49
CA ASN A 58 -15.35 14.00 15.09
C ASN A 58 -15.24 12.51 14.76
N LEU A 59 -14.96 11.70 15.79
CA LEU A 59 -15.09 10.25 15.69
C LEU A 59 -16.30 9.76 16.50
N TYR A 60 -16.71 8.53 16.21
CA TYR A 60 -17.92 7.94 16.78
C TYR A 60 -17.70 6.45 16.91
N ALA A 61 -18.22 5.91 18.01
CA ALA A 61 -18.38 4.47 18.14
C ALA A 61 -19.79 4.07 17.70
N ILE A 62 -19.86 2.95 16.98
CA ILE A 62 -21.12 2.48 16.40
C ILE A 62 -21.63 1.29 17.22
N LYS A 63 -22.63 1.55 18.06
CA LYS A 63 -23.07 0.62 19.10
C LYS A 63 -24.35 -0.11 18.72
N SER A 64 -24.33 -1.43 18.82
CA SER A 64 -25.53 -2.23 18.55
C SER A 64 -26.62 -1.95 19.56
N VAL A 65 -27.84 -1.72 19.07
CA VAL A 65 -29.01 -1.54 19.94
C VAL A 65 -29.32 -2.80 20.76
N PRO A 66 -29.50 -3.97 20.10
CA PRO A 66 -29.90 -5.13 20.92
C PRO A 66 -28.79 -5.70 21.82
N ASN A 67 -27.52 -5.65 21.38
CA ASN A 67 -26.45 -6.30 22.13
C ASN A 67 -25.35 -5.41 22.73
N GLY A 68 -25.38 -4.12 22.42
CA GLY A 68 -24.48 -3.15 23.06
C GLY A 68 -23.04 -3.14 22.59
N ARG A 69 -22.66 -4.11 21.76
CA ARG A 69 -21.30 -4.17 21.24
C ARG A 69 -21.03 -3.10 20.19
N VAL A 70 -19.79 -2.63 20.13
CA VAL A 70 -19.40 -1.62 19.15
C VAL A 70 -18.58 -2.26 18.04
N LEU A 71 -18.68 -1.67 16.86
CA LEU A 71 -17.95 -2.16 15.69
C LEU A 71 -16.47 -1.85 15.79
N PHE A 72 -15.65 -2.69 15.19
CA PHE A 72 -14.24 -2.39 15.07
C PHE A 72 -13.82 -2.71 13.65
N SER A 73 -12.83 -1.98 13.15
CA SER A 73 -12.29 -2.23 11.84
C SER A 73 -10.75 -2.15 11.85
N ARG A 74 -10.11 -3.28 11.59
CA ARG A 74 -8.66 -3.40 11.73
C ARG A 74 -8.05 -4.14 10.54
N THR A 75 -6.72 -4.14 10.49
CA THR A 75 -5.97 -4.84 9.44
C THR A 75 -4.99 -5.85 10.02
N SER A 76 -4.97 -5.98 11.34
CA SER A 76 -3.94 -6.79 12.00
C SER A 76 -4.23 -8.30 12.06
N ALA A 77 -5.52 -8.65 12.06
CA ALA A 77 -5.94 -10.05 12.23
C ALA A 77 -7.38 -10.23 11.80
N SER A 78 -7.76 -11.48 11.55
CA SER A 78 -9.15 -11.83 11.25
C SER A 78 -9.94 -12.09 12.54
N PRO A 79 -11.23 -11.67 12.57
CA PRO A 79 -11.96 -10.96 11.53
C PRO A 79 -11.49 -9.49 11.43
N TYR A 80 -11.51 -8.94 10.23
CA TYR A 80 -11.04 -7.56 10.03
C TYR A 80 -12.05 -6.55 10.50
N VAL A 81 -13.33 -6.84 10.27
CA VAL A 81 -14.43 -6.03 10.76
C VAL A 81 -15.19 -6.90 11.76
N GLY A 82 -15.52 -6.37 12.92
CA GLY A 82 -16.13 -7.19 13.97
C GLY A 82 -16.79 -6.34 15.04
N ASN A 83 -17.17 -6.99 16.14
CA ASN A 83 -17.69 -6.25 17.28
C ASN A 83 -16.98 -6.61 18.59
N ILE A 84 -17.15 -5.75 19.58
CA ILE A 84 -16.52 -5.92 20.88
C ILE A 84 -17.40 -5.16 21.89
N ALA A 85 -17.50 -5.68 23.11
CA ALA A 85 -18.31 -5.04 24.15
C ALA A 85 -17.66 -3.74 24.60
N GLY A 86 -18.43 -2.90 25.29
CA GLY A 86 -17.93 -1.62 25.75
C GLY A 86 -18.50 -0.44 24.98
N ASP A 87 -17.95 0.73 25.22
CA ASP A 87 -18.41 1.94 24.57
C ASP A 87 -17.28 2.59 23.79
N GLY A 88 -16.45 1.77 23.13
CA GLY A 88 -15.32 2.29 22.39
C GLY A 88 -14.05 2.33 23.22
N THR A 89 -13.72 1.20 23.83
CA THR A 89 -12.53 1.04 24.65
C THR A 89 -11.23 1.12 23.82
N TYR A 90 -11.28 0.62 22.59
CA TYR A 90 -10.07 0.51 21.77
C TYR A 90 -10.07 1.49 20.62
N ASN A 91 -8.88 1.91 20.17
CA ASN A 91 -8.80 2.95 19.15
C ASN A 91 -9.43 2.60 17.80
N ASP A 92 -9.42 1.31 17.45
CA ASP A 92 -10.07 0.85 16.22
C ASP A 92 -11.60 0.70 16.33
N ASN A 93 -12.16 1.16 17.44
CA ASN A 93 -13.61 1.26 17.58
C ASN A 93 -14.16 2.61 17.12
N TRP A 94 -13.29 3.50 16.63
CA TRP A 94 -13.71 4.88 16.39
C TRP A 94 -13.73 5.25 14.95
N PHE A 95 -14.89 5.73 14.48
CA PHE A 95 -15.08 5.97 13.05
C PHE A 95 -15.38 7.42 12.72
N GLN A 96 -14.96 7.84 11.54
CA GLN A 96 -15.24 9.15 11.04
C GLN A 96 -16.23 8.97 9.88
N PHE A 97 -17.25 9.82 9.81
CA PHE A 97 -18.18 9.78 8.67
C PHE A 97 -17.83 10.89 7.67
N ILE A 98 -17.21 10.47 6.57
CA ILE A 98 -16.61 11.38 5.60
C ILE A 98 -17.50 11.46 4.37
N GLN A 99 -18.08 12.64 4.15
CA GLN A 99 -18.98 12.86 3.02
C GLN A 99 -18.26 12.60 1.70
N ASP A 100 -18.95 11.97 0.76
CA ASP A 100 -18.40 11.74 -0.58
C ASP A 100 -18.14 13.07 -1.26
N ASP A 101 -17.09 13.09 -2.07
CA ASP A 101 -16.67 14.29 -2.80
C ASP A 101 -17.64 14.65 -3.93
N ASN A 102 -18.43 13.67 -4.37
CA ASN A 102 -19.34 13.85 -5.51
C ASN A 102 -20.80 13.83 -5.11
N ASP A 103 -21.16 12.88 -4.26
CA ASP A 103 -22.53 12.70 -3.78
C ASP A 103 -22.63 13.17 -2.31
N PRO A 104 -23.23 14.36 -2.08
CA PRO A 104 -23.30 14.88 -0.72
C PRO A 104 -24.25 14.10 0.20
N ASN A 105 -25.04 13.19 -0.38
CA ASN A 105 -26.00 12.40 0.39
C ASN A 105 -25.47 11.07 0.91
N SER A 106 -24.23 10.75 0.60
CA SER A 106 -23.60 9.56 1.16
C SER A 106 -22.23 9.84 1.78
N PHE A 107 -21.71 8.85 2.50
CA PHE A 107 -20.49 9.02 3.26
C PHE A 107 -19.74 7.71 3.34
N ARG A 108 -18.47 7.81 3.71
CA ARG A 108 -17.67 6.65 3.95
C ARG A 108 -17.54 6.47 5.45
N ILE A 109 -17.46 5.19 5.86
CA ILE A 109 -17.25 4.84 7.25
C ILE A 109 -15.78 4.57 7.44
N TYR A 110 -15.07 5.60 7.91
CA TYR A 110 -13.61 5.61 7.93
C TYR A 110 -13.06 5.32 9.32
N ASN A 111 -12.04 4.48 9.39
CA ASN A 111 -11.39 4.17 10.67
C ASN A 111 -9.99 4.76 10.77
N LEU A 112 -9.83 5.71 11.69
CA LEU A 112 -8.55 6.41 11.83
C LEU A 112 -7.42 5.47 12.26
N ALA A 113 -7.70 4.55 13.16
CA ALA A 113 -6.64 3.66 13.70
C ALA A 113 -6.07 2.75 12.61
N SER A 114 -6.92 2.31 11.68
CA SER A 114 -6.50 1.34 10.65
C SER A 114 -6.43 1.91 9.23
N ASP A 115 -6.87 3.16 9.08
CA ASP A 115 -6.83 3.83 7.77
C ASP A 115 -7.67 3.06 6.75
N THR A 116 -8.82 2.55 7.19
CA THR A 116 -9.72 1.78 6.33
C THR A 116 -11.10 2.40 6.18
N VAL A 117 -11.77 2.07 5.06
CA VAL A 117 -13.21 2.34 4.88
C VAL A 117 -13.98 1.01 4.74
N LEU A 118 -15.23 0.98 5.22
CA LEU A 118 -16.11 -0.18 5.00
C LEU A 118 -16.69 -0.15 3.58
N TYR A 119 -16.92 -1.33 3.00
CA TYR A 119 -17.47 -1.43 1.65
C TYR A 119 -18.47 -2.57 1.57
N SER A 120 -19.37 -2.48 0.61
CA SER A 120 -20.42 -3.48 0.40
C SER A 120 -20.53 -3.67 -1.09
N ARG A 121 -20.25 -4.87 -1.58
CA ARG A 121 -20.29 -5.14 -3.01
C ARG A 121 -20.93 -6.50 -3.36
N THR A 122 -21.33 -6.67 -4.61
CA THR A 122 -21.94 -7.92 -5.06
C THR A 122 -20.95 -8.75 -5.86
N THR A 123 -19.76 -8.19 -6.06
CA THR A 123 -18.79 -8.73 -7.02
C THR A 123 -17.88 -9.79 -6.38
N ALA A 124 -16.66 -9.41 -6.03
CA ALA A 124 -15.68 -10.37 -5.55
C ALA A 124 -15.74 -10.59 -4.05
N ASP A 125 -15.46 -11.83 -3.64
CA ASP A 125 -15.24 -12.17 -2.24
C ASP A 125 -13.90 -11.60 -1.75
N PRO A 126 -13.87 -11.08 -0.51
CA PRO A 126 -14.99 -10.93 0.43
C PRO A 126 -15.88 -9.76 0.04
N LYS A 127 -17.19 -9.98 0.06
CA LYS A 127 -18.15 -9.02 -0.49
C LYS A 127 -18.43 -7.87 0.48
N PHE A 128 -18.09 -8.08 1.76
CA PHE A 128 -18.12 -7.03 2.78
C PHE A 128 -16.78 -7.06 3.52
N GLY A 129 -16.33 -5.89 3.97
CA GLY A 129 -15.11 -5.78 4.75
C GLY A 129 -14.56 -4.37 4.73
N ASN A 130 -13.26 -4.23 5.00
CA ASN A 130 -12.63 -2.91 5.02
C ASN A 130 -11.51 -2.78 3.99
N PHE A 131 -11.10 -1.56 3.69
CA PHE A 131 -10.26 -1.32 2.51
C PHE A 131 -9.46 -0.05 2.69
N THR A 132 -8.20 -0.11 2.26
CA THR A 132 -7.32 1.04 2.22
C THR A 132 -6.95 1.29 0.77
N GLY A 133 -7.43 2.39 0.21
CA GLY A 133 -7.08 2.72 -1.18
C GLY A 133 -8.08 3.64 -1.82
N ALA A 134 -8.15 3.56 -3.13
CA ALA A 134 -8.94 4.48 -3.93
C ALA A 134 -10.41 4.57 -3.48
N LYS A 135 -11.03 5.70 -3.76
CA LYS A 135 -12.44 5.90 -3.44
C LYS A 135 -13.32 5.25 -4.51
N TYR A 136 -14.08 4.24 -4.11
CA TYR A 136 -15.04 3.58 -5.01
C TYR A 136 -16.43 3.76 -4.43
N ASP A 137 -17.43 3.70 -5.31
CA ASP A 137 -18.84 3.90 -4.96
C ASP A 137 -19.37 2.84 -3.99
N ASP A 138 -18.79 1.64 -4.01
CA ASP A 138 -19.24 0.58 -3.08
C ASP A 138 -18.86 0.87 -1.62
N GLN A 139 -18.19 2.00 -1.41
CA GLN A 139 -17.77 2.40 -0.07
C GLN A 139 -18.71 3.45 0.52
N LEU A 140 -19.80 3.72 -0.18
CA LEU A 140 -20.73 4.79 0.23
C LEU A 140 -21.92 4.20 0.99
N TRP A 141 -22.35 4.93 2.02
CA TRP A 141 -23.35 4.44 2.98
C TRP A 141 -24.33 5.52 3.29
N HIS A 142 -25.51 5.12 3.77
CA HIS A 142 -26.53 6.02 4.30
C HIS A 142 -26.85 5.71 5.72
N PHE A 143 -27.19 6.74 6.50
CA PHE A 143 -27.90 6.56 7.76
C PHE A 143 -29.39 6.43 7.47
N GLU A 144 -29.95 5.27 7.79
CA GLU A 144 -31.38 5.02 7.62
C GLU A 144 -32.05 5.07 8.98
N LEU A 145 -32.62 6.22 9.32
CA LEU A 145 -33.28 6.40 10.62
C LEU A 145 -34.49 5.50 10.73
N VAL A 146 -34.72 4.97 11.93
CA VAL A 146 -35.88 4.10 12.13
C VAL A 146 -36.95 4.75 12.99
N VAL B 1 -6.35 7.49 2.27
CA VAL B 1 -5.06 6.78 2.51
C VAL B 1 -4.02 7.74 3.08
N ASN B 2 -3.46 7.37 4.22
CA ASN B 2 -2.36 8.11 4.80
C ASN B 2 -1.16 8.18 3.88
N PHE B 3 -0.53 9.34 3.80
CA PHE B 3 0.64 9.50 2.96
C PHE B 3 1.71 8.46 3.33
N PRO B 4 2.24 7.73 2.32
CA PRO B 4 3.16 6.61 2.56
C PRO B 4 4.62 6.95 2.94
N ASN B 5 5.07 8.17 2.70
CA ASN B 5 6.44 8.60 3.03
C ASN B 5 6.46 9.76 4.02
N ILE B 6 5.94 9.51 5.22
CA ILE B 6 5.97 10.49 6.28
C ILE B 6 7.36 10.40 6.96
N PRO B 7 8.05 11.56 7.14
CA PRO B 7 9.35 11.59 7.79
C PRO B 7 9.38 10.85 9.11
N ALA B 8 10.45 10.11 9.35
CA ALA B 8 10.67 9.46 10.66
C ALA B 8 10.57 10.51 11.74
N GLU B 9 10.03 10.12 12.90
CA GLU B 9 9.89 11.04 14.03
C GLU B 9 11.21 11.72 14.36
N GLY B 10 11.19 13.04 14.48
CA GLY B 10 12.39 13.81 14.81
C GLY B 10 13.21 14.30 13.63
N VAL B 11 12.95 13.80 12.42
CA VAL B 11 13.66 14.24 11.22
C VAL B 11 13.18 15.63 10.80
N GLN B 12 14.12 16.49 10.41
CA GLN B 12 13.78 17.87 10.08
C GLN B 12 13.37 17.99 8.60
N PHE B 13 12.43 18.89 8.34
CA PHE B 13 11.94 19.11 6.98
C PHE B 13 11.29 20.48 6.82
N ARG B 14 11.11 20.89 5.57
CA ARG B 14 10.22 21.99 5.25
C ARG B 14 8.93 21.44 4.67
N LEU B 15 7.84 22.16 4.89
CA LEU B 15 6.57 21.88 4.25
C LEU B 15 6.38 22.81 3.06
N ARG B 16 6.51 22.27 1.85
CA ARG B 16 6.42 23.08 0.63
C ARG B 16 5.19 22.72 -0.19
N ALA B 17 4.39 23.74 -0.51
CA ALA B 17 3.20 23.58 -1.35
C ALA B 17 3.60 23.19 -2.75
N ARG B 18 2.91 22.18 -3.28
CA ARG B 18 3.21 21.66 -4.61
C ARG B 18 3.06 22.72 -5.68
N ASP B 19 1.94 23.45 -5.65
CA ASP B 19 1.58 24.32 -6.77
C ASP B 19 2.23 25.70 -6.72
N THR B 20 2.13 26.39 -5.59
CA THR B 20 2.76 27.71 -5.44
C THR B 20 4.28 27.63 -5.26
N GLY B 21 4.75 26.56 -4.64
CA GLY B 21 6.17 26.44 -4.30
C GLY B 21 6.52 27.13 -3.00
N TYR B 22 5.50 27.65 -2.30
CA TYR B 22 5.74 28.36 -1.03
C TYR B 22 5.95 27.38 0.12
N VAL B 23 6.68 27.83 1.14
CA VAL B 23 6.87 27.05 2.36
C VAL B 23 6.13 27.69 3.52
N ILE B 24 5.78 26.87 4.51
CA ILE B 24 5.20 27.35 5.77
C ILE B 24 6.34 27.78 6.70
N TYR B 25 6.10 28.84 7.47
CA TYR B 25 6.98 29.20 8.57
C TYR B 25 6.16 29.33 9.85
N SER B 26 6.84 29.13 10.98
CA SER B 26 6.24 29.27 12.30
C SER B 26 7.24 30.02 13.19
N ARG B 27 6.86 31.22 13.61
CA ARG B 27 7.71 32.09 14.46
C ARG B 27 6.92 32.63 15.65
N THR B 28 7.59 33.31 16.59
CA THR B 28 6.96 33.74 17.84
C THR B 28 6.63 35.22 17.91
N GLU B 29 7.14 35.98 16.94
CA GLU B 29 6.88 37.42 16.88
C GLU B 29 6.50 37.84 15.46
N ASN B 30 5.83 38.99 15.36
CA ASN B 30 5.42 39.63 14.10
C ASN B 30 4.36 38.87 13.30
N PRO B 31 3.07 39.17 13.57
CA PRO B 31 1.95 38.57 12.85
C PRO B 31 2.04 38.80 11.33
N PRO B 32 1.67 37.80 10.52
CA PRO B 32 1.19 36.46 10.89
C PRO B 32 2.32 35.52 11.36
N LEU B 33 2.09 34.83 12.49
CA LEU B 33 3.11 33.98 13.11
C LEU B 33 3.28 32.64 12.38
N VAL B 34 2.19 32.16 11.77
CA VAL B 34 2.26 31.02 10.84
C VAL B 34 1.69 31.46 9.50
N TRP B 35 2.45 31.29 8.42
CA TRP B 35 2.01 31.73 7.10
C TRP B 35 2.85 31.05 6.07
N GLN B 36 2.62 31.37 4.81
CA GLN B 36 3.44 30.88 3.71
C GLN B 36 4.49 31.95 3.35
N TYR B 37 5.56 31.52 2.68
CA TYR B 37 6.67 32.40 2.36
C TYR B 37 7.35 31.93 1.07
N ASN B 38 7.74 32.91 0.24
CA ASN B 38 8.42 32.67 -1.03
C ASN B 38 9.77 33.37 -1.02
N GLY B 39 10.71 32.86 -0.23
CA GLY B 39 12.02 33.50 -0.13
C GLY B 39 13.08 32.52 0.35
N PRO B 40 14.24 33.04 0.80
CA PRO B 40 15.35 32.21 1.27
C PRO B 40 14.97 31.21 2.36
N PRO B 41 15.77 30.13 2.48
CA PRO B 41 15.62 29.19 3.60
C PRO B 41 15.98 29.85 4.93
N TYR B 42 15.03 29.85 5.85
CA TYR B 42 15.26 30.29 7.23
C TYR B 42 14.87 29.19 8.20
N ASP B 43 15.44 29.21 9.41
CA ASP B 43 15.18 28.18 10.42
C ASP B 43 13.72 28.08 10.89
N ASP B 44 12.98 29.19 10.84
CA ASP B 44 11.56 29.16 11.21
C ASP B 44 10.68 28.46 10.16
N GLN B 45 11.31 27.88 9.14
CA GLN B 45 10.61 27.07 8.15
C GLN B 45 10.82 25.57 8.42
N LEU B 46 11.60 25.27 9.46
CA LEU B 46 11.98 23.91 9.77
C LEU B 46 11.06 23.31 10.81
N PHE B 47 10.63 22.08 10.54
CA PHE B 47 9.73 21.37 11.44
C PHE B 47 10.21 19.96 11.67
N THR B 48 9.72 19.37 12.75
CA THR B 48 9.76 17.93 12.98
C THR B 48 8.37 17.45 13.40
N LEU B 49 8.18 16.14 13.35
CA LEU B 49 6.94 15.52 13.78
C LEU B 49 7.07 14.84 15.13
N ILE B 50 6.06 15.03 15.99
CA ILE B 50 5.86 14.14 17.12
C ILE B 50 4.82 13.15 16.62
N TYR B 51 5.11 11.86 16.76
CA TYR B 51 4.19 10.80 16.33
C TYR B 51 3.13 10.56 17.38
N GLY B 52 1.87 10.59 16.97
CA GLY B 52 0.78 10.31 17.88
C GLY B 52 0.68 8.83 18.12
N THR B 53 0.36 8.46 19.36
CA THR B 53 0.09 7.06 19.76
C THR B 53 -1.30 6.98 20.38
N GLY B 54 -1.78 5.76 20.59
CA GLY B 54 -3.10 5.53 21.20
C GLY B 54 -4.23 6.17 20.40
N PRO B 55 -4.97 7.10 21.01
CA PRO B 55 -6.08 7.77 20.32
C PRO B 55 -5.59 8.69 19.19
N ARG B 56 -4.29 8.98 19.14
CA ARG B 56 -3.71 9.88 18.13
C ARG B 56 -2.84 9.12 17.12
N LYS B 57 -3.01 7.80 17.08
CA LYS B 57 -2.37 6.96 16.08
C LYS B 57 -2.78 7.42 14.70
N ASN B 58 -1.78 7.57 13.83
CA ASN B 58 -1.92 8.14 12.49
C ASN B 58 -2.12 9.65 12.46
N LEU B 59 -1.97 10.28 13.62
CA LEU B 59 -1.90 11.74 13.74
C LEU B 59 -0.51 12.18 14.20
N TYR B 60 -0.18 13.44 13.94
CA TYR B 60 1.16 13.97 14.18
C TYR B 60 1.09 15.41 14.65
N ALA B 61 1.94 15.76 15.62
CA ALA B 61 2.11 17.17 15.96
C ALA B 61 3.28 17.74 15.14
N ILE B 62 3.13 18.98 14.69
CA ILE B 62 4.12 19.61 13.82
C ILE B 62 4.85 20.70 14.60
N LYS B 63 6.07 20.36 15.04
CA LYS B 63 6.82 21.18 15.99
C LYS B 63 7.86 22.03 15.25
N SER B 64 7.88 23.33 15.56
CA SER B 64 8.87 24.26 15.00
C SER B 64 10.25 24.07 15.62
N VAL B 65 11.27 23.86 14.78
CA VAL B 65 12.64 23.68 15.27
C VAL B 65 13.18 24.84 16.12
N PRO B 66 13.17 26.08 15.60
CA PRO B 66 13.76 27.16 16.42
C PRO B 66 13.00 27.52 17.70
N ASN B 67 11.69 27.38 17.72
CA ASN B 67 10.91 27.88 18.87
C ASN B 67 10.12 26.83 19.67
N GLY B 68 10.07 25.61 19.18
CA GLY B 68 9.45 24.50 19.91
C GLY B 68 7.92 24.50 19.96
N ARG B 69 7.29 25.52 19.39
CA ARG B 69 5.83 25.55 19.32
C ARG B 69 5.31 24.58 18.28
N VAL B 70 4.14 23.99 18.56
CA VAL B 70 3.48 23.11 17.61
C VAL B 70 2.39 23.87 16.86
N LEU B 71 2.14 23.45 15.63
CA LEU B 71 1.08 24.07 14.83
C LEU B 71 -0.34 23.78 15.33
N PHE B 72 -1.27 24.69 15.03
CA PHE B 72 -2.68 24.40 15.20
C PHE B 72 -3.46 24.91 14.00
N SER B 73 -4.59 24.25 13.74
CA SER B 73 -5.50 24.62 12.67
C SER B 73 -6.92 24.45 13.16
N ARG B 74 -7.61 25.57 13.35
CA ARG B 74 -8.94 25.58 13.96
C ARG B 74 -9.90 26.49 13.19
N THR B 75 -11.20 26.26 13.37
CA THR B 75 -12.22 27.06 12.72
C THR B 75 -12.89 27.96 13.74
N SER B 76 -12.47 27.82 15.01
CA SER B 76 -13.10 28.51 16.13
CA SER B 76 -13.10 28.51 16.13
C SER B 76 -12.86 30.01 16.17
N ALA B 77 -11.60 30.43 15.99
CA ALA B 77 -11.23 31.84 16.15
C ALA B 77 -9.87 32.19 15.56
N SER B 78 -9.69 33.47 15.21
CA SER B 78 -8.44 33.99 14.69
C SER B 78 -7.34 34.00 15.75
N PRO B 79 -6.10 33.65 15.37
CA PRO B 79 -5.70 33.18 14.06
C PRO B 79 -6.14 31.73 13.85
N TYR B 80 -6.67 31.42 12.68
CA TYR B 80 -7.20 30.08 12.43
C TYR B 80 -6.08 29.06 12.31
N VAL B 81 -4.96 29.48 11.74
CA VAL B 81 -3.75 28.67 11.74
C VAL B 81 -2.69 29.42 12.55
N GLY B 82 -2.09 28.73 13.50
CA GLY B 82 -1.12 29.35 14.36
C GLY B 82 -0.22 28.36 15.06
N ASN B 83 0.40 28.81 16.14
CA ASN B 83 1.26 27.92 16.92
C ASN B 83 1.07 28.10 18.40
N ILE B 84 1.53 27.13 19.17
CA ILE B 84 1.33 27.12 20.63
C ILE B 84 2.39 26.26 21.27
N ALA B 85 2.80 26.61 22.49
CA ALA B 85 3.80 25.83 23.24
C ALA B 85 3.23 24.46 23.58
N GLY B 86 4.11 23.48 23.78
CA GLY B 86 3.70 22.16 24.20
C GLY B 86 4.08 21.09 23.18
N ASP B 87 3.56 19.90 23.38
CA ASP B 87 3.84 18.78 22.48
C ASP B 87 2.57 18.26 21.82
N GLY B 88 1.54 19.10 21.82
CA GLY B 88 0.22 18.71 21.31
C GLY B 88 -0.81 18.62 22.41
N THR B 89 -0.87 19.65 23.25
CA THR B 89 -1.84 19.71 24.35
C THR B 89 -3.28 19.62 23.87
N TYR B 90 -3.56 20.28 22.74
CA TYR B 90 -4.93 20.46 22.28
C TYR B 90 -5.24 19.57 21.09
N ASN B 91 -6.49 19.09 21.01
CA ASN B 91 -6.85 18.20 19.91
C ASN B 91 -6.59 18.83 18.53
N ASP B 92 -6.72 20.16 18.42
CA ASP B 92 -6.42 20.83 17.14
C ASP B 92 -4.91 20.99 16.83
N ASN B 93 -4.06 20.40 17.68
CA ASN B 93 -2.62 20.29 17.38
C ASN B 93 -2.27 19.05 16.54
N TRP B 94 -3.27 18.21 16.25
CA TRP B 94 -3.00 16.89 15.63
C TRP B 94 -3.44 16.79 14.21
N PHE B 95 -2.49 16.42 13.36
CA PHE B 95 -2.71 16.44 11.92
C PHE B 95 -2.57 15.06 11.32
N GLN B 96 -3.34 14.84 10.26
CA GLN B 96 -3.24 13.65 9.45
C GLN B 96 -2.69 14.06 8.09
N PHE B 97 -1.75 13.28 7.55
CA PHE B 97 -1.27 13.54 6.20
C PHE B 97 -1.93 12.57 5.23
N ILE B 98 -2.82 13.12 4.39
CA ILE B 98 -3.70 12.31 3.55
C ILE B 98 -3.24 12.46 2.12
N GLN B 99 -2.77 11.35 1.58
CA GLN B 99 -2.26 11.31 0.24
C GLN B 99 -3.32 11.74 -0.75
N ASP B 100 -2.93 12.50 -1.75
CA ASP B 100 -3.84 12.88 -2.83
C ASP B 100 -4.35 11.66 -3.60
N ASP B 101 -5.51 11.83 -4.22
CA ASP B 101 -6.20 10.78 -4.95
C ASP B 101 -5.57 10.52 -6.31
N ASN B 102 -4.94 11.54 -6.91
CA ASN B 102 -4.32 11.37 -8.23
C ASN B 102 -2.81 11.50 -8.20
N ASP B 103 -2.29 12.36 -7.33
CA ASP B 103 -0.85 12.56 -7.19
C ASP B 103 -0.29 11.78 -5.98
N PRO B 104 0.40 10.65 -6.23
CA PRO B 104 0.89 9.84 -5.12
C PRO B 104 1.95 10.52 -4.26
N ASN B 105 2.55 11.59 -4.77
CA ASN B 105 3.70 12.23 -4.12
C ASN B 105 3.37 13.44 -3.25
N SER B 106 2.10 13.81 -3.19
CA SER B 106 1.70 14.93 -2.37
C SER B 106 0.52 14.57 -1.49
N PHE B 107 0.24 15.42 -0.51
CA PHE B 107 -0.73 15.08 0.52
C PHE B 107 -1.40 16.34 1.00
N ARG B 108 -2.52 16.16 1.67
CA ARG B 108 -3.17 17.24 2.39
C ARG B 108 -2.78 17.18 3.85
N ILE B 109 -2.67 18.35 4.47
CA ILE B 109 -2.38 18.47 5.90
C ILE B 109 -3.73 18.69 6.59
N TYR B 110 -4.30 17.59 7.08
CA TYR B 110 -5.66 17.55 7.58
C TYR B 110 -5.70 17.60 9.09
N ASN B 111 -6.68 18.33 9.63
CA ASN B 111 -6.85 18.43 11.08
C ASN B 111 -8.17 17.77 11.47
N LEU B 112 -8.11 16.73 12.30
CA LEU B 112 -9.32 15.98 12.66
C LEU B 112 -10.27 16.83 13.51
N ALA B 113 -9.73 17.55 14.49
CA ALA B 113 -10.55 18.35 15.40
C ALA B 113 -11.38 19.38 14.65
N SER B 114 -10.78 20.08 13.70
CA SER B 114 -11.45 21.19 13.01
C SER B 114 -12.00 20.81 11.62
N ASP B 115 -11.70 19.59 11.15
CA ASP B 115 -12.14 19.11 9.82
C ASP B 115 -11.67 20.06 8.69
N THR B 116 -10.42 20.49 8.78
CA THR B 116 -9.85 21.42 7.80
C THR B 116 -8.57 20.90 7.18
N VAL B 117 -8.25 21.42 6.00
CA VAL B 117 -6.95 21.21 5.39
C VAL B 117 -6.26 22.55 5.21
N LEU B 118 -4.93 22.55 5.21
CA LEU B 118 -4.14 23.76 4.93
C LEU B 118 -4.03 23.99 3.43
N TYR B 119 -3.97 25.25 3.01
CA TYR B 119 -3.78 25.56 1.60
C TYR B 119 -2.80 26.71 1.39
N SER B 120 -2.21 26.73 0.19
CA SER B 120 -1.31 27.79 -0.23
C SER B 120 -1.73 28.21 -1.62
N ARG B 121 -2.05 29.48 -1.79
CA ARG B 121 -2.50 29.99 -3.08
C ARG B 121 -1.97 31.41 -3.31
N THR B 122 -2.13 31.90 -4.54
CA THR B 122 -1.65 33.22 -4.93
C THR B 122 -2.81 34.17 -5.27
N THR B 123 -4.04 33.70 -5.02
CA THR B 123 -5.24 34.43 -5.44
C THR B 123 -5.86 35.28 -4.34
N ALA B 124 -6.99 34.84 -3.79
CA ALA B 124 -7.71 35.64 -2.80
C ALA B 124 -7.07 35.55 -1.42
N ASP B 125 -7.14 36.65 -0.68
CA ASP B 125 -6.80 36.65 0.72
C ASP B 125 -7.92 35.91 1.47
N PRO B 126 -7.57 35.20 2.55
CA PRO B 126 -6.20 34.95 2.96
C PRO B 126 -5.54 33.92 2.04
N LYS B 127 -4.35 34.26 1.56
CA LYS B 127 -3.62 33.43 0.59
C LYS B 127 -3.05 32.15 1.22
N PHE B 128 -2.89 32.17 2.53
CA PHE B 128 -2.58 30.96 3.31
C PHE B 128 -3.65 30.80 4.38
N GLY B 129 -4.09 29.57 4.60
CA GLY B 129 -5.05 29.31 5.65
C GLY B 129 -5.51 27.87 5.72
N ASN B 130 -6.63 27.68 6.40
CA ASN B 130 -7.27 26.38 6.43
C ASN B 130 -8.65 26.46 5.78
N PHE B 131 -9.25 25.31 5.51
CA PHE B 131 -10.45 25.26 4.69
C PHE B 131 -11.19 23.94 4.90
N THR B 132 -12.49 24.03 5.15
CA THR B 132 -13.39 22.88 5.16
C THR B 132 -14.22 22.89 3.88
N GLY B 133 -13.93 21.97 2.96
CA GLY B 133 -14.73 21.85 1.76
C GLY B 133 -14.07 20.96 0.73
N ALA B 134 -14.40 21.21 -0.53
CA ALA B 134 -13.97 20.36 -1.63
C ALA B 134 -12.45 20.31 -1.78
N LYS B 135 -11.98 19.29 -2.47
CA LYS B 135 -10.56 19.12 -2.75
C LYS B 135 -10.08 20.03 -3.89
N TYR B 136 -9.07 20.83 -3.58
CA TYR B 136 -8.41 21.64 -4.60
C TYR B 136 -6.91 21.36 -4.54
N ASP B 137 -6.25 21.53 -5.68
CA ASP B 137 -4.80 21.29 -5.79
C ASP B 137 -3.96 22.21 -4.92
N ASP B 138 -4.50 23.39 -4.59
CA ASP B 138 -3.77 24.32 -3.74
C ASP B 138 -3.66 23.81 -2.30
N GLN B 139 -4.23 22.64 -2.04
CA GLN B 139 -4.18 22.00 -0.72
C GLN B 139 -3.08 20.95 -0.62
N LEU B 140 -2.27 20.83 -1.66
CA LEU B 140 -1.32 19.73 -1.79
C LEU B 140 0.10 20.13 -1.39
N TRP B 141 0.70 19.31 -0.52
CA TRP B 141 2.01 19.63 0.05
C TRP B 141 3.04 18.56 -0.18
N HIS B 142 4.32 18.96 -0.14
CA HIS B 142 5.46 18.05 -0.11
C HIS B 142 6.18 18.16 1.22
N PHE B 143 6.73 17.06 1.69
CA PHE B 143 7.78 17.07 2.72
C PHE B 143 9.12 17.32 2.04
N GLU B 144 9.75 18.45 2.36
CA GLU B 144 11.08 18.76 1.86
C GLU B 144 12.15 18.46 2.92
N LEU B 145 12.90 17.38 2.71
CA LEU B 145 13.88 16.93 3.68
C LEU B 145 15.10 17.85 3.68
N VAL B 146 15.69 18.06 4.86
CA VAL B 146 16.87 18.90 4.95
C VAL B 146 18.06 18.07 5.40
N VAL C 1 5.78 -10.45 -16.47
CA VAL C 1 6.54 -10.94 -17.66
C VAL C 1 7.92 -10.31 -17.64
N ASN C 2 8.95 -11.15 -17.75
CA ASN C 2 10.30 -10.64 -17.88
C ASN C 2 10.45 -9.82 -19.16
N PHE C 3 11.16 -8.70 -19.06
CA PHE C 3 11.41 -7.87 -20.22
C PHE C 3 12.05 -8.73 -21.30
N PRO C 4 11.49 -8.72 -22.53
CA PRO C 4 11.97 -9.66 -23.56
C PRO C 4 13.27 -9.25 -24.26
N ASN C 5 13.73 -8.02 -24.02
CA ASN C 5 14.96 -7.51 -24.63
CA ASN C 5 14.96 -7.50 -24.63
C ASN C 5 16.04 -7.11 -23.61
N ILE C 6 16.46 -8.06 -22.79
CA ILE C 6 17.50 -7.82 -21.79
C ILE C 6 18.86 -7.99 -22.52
N PRO C 7 19.77 -7.00 -22.42
CA PRO C 7 21.04 -7.10 -23.14
C PRO C 7 21.82 -8.36 -22.76
N ALA C 8 22.54 -8.91 -23.74
CA ALA C 8 23.40 -10.08 -23.47
C ALA C 8 24.40 -9.78 -22.35
N GLU C 9 24.86 -10.82 -21.67
CA GLU C 9 25.81 -10.65 -20.56
C GLU C 9 27.08 -9.93 -21.05
N GLY C 10 27.50 -8.89 -20.34
CA GLY C 10 28.70 -8.14 -20.72
C GLY C 10 28.51 -6.96 -21.66
N VAL C 11 27.33 -6.89 -22.29
CA VAL C 11 27.02 -5.78 -23.19
C VAL C 11 26.76 -4.51 -22.37
N GLN C 12 27.37 -3.41 -22.80
CA GLN C 12 27.31 -2.15 -22.06
C GLN C 12 26.09 -1.28 -22.39
N PHE C 13 25.55 -0.63 -21.36
CA PHE C 13 24.36 0.17 -21.54
C PHE C 13 24.24 1.22 -20.45
N ARG C 14 23.45 2.25 -20.72
CA ARG C 14 22.92 3.13 -19.68
C ARG C 14 21.51 2.69 -19.28
N LEU C 15 21.11 3.06 -18.08
CA LEU C 15 19.74 2.84 -17.63
C LEU C 15 19.06 4.19 -17.56
N ARG C 16 18.12 4.41 -18.47
CA ARG C 16 17.44 5.67 -18.56
C ARG C 16 15.96 5.53 -18.18
N ALA C 17 15.50 6.39 -17.27
CA ALA C 17 14.08 6.38 -16.90
C ALA C 17 13.28 6.89 -18.09
N ARG C 18 12.14 6.25 -18.36
CA ARG C 18 11.30 6.63 -19.52
C ARG C 18 10.75 8.05 -19.41
N ASP C 19 10.13 8.37 -18.28
CA ASP C 19 9.44 9.67 -18.13
C ASP C 19 10.38 10.85 -17.88
N THR C 20 11.33 10.74 -16.93
CA THR C 20 12.25 11.86 -16.66
C THR C 20 13.34 12.01 -17.73
N GLY C 21 13.77 10.89 -18.30
CA GLY C 21 14.92 10.90 -19.20
C GLY C 21 16.25 10.90 -18.47
N TYR C 22 16.20 10.81 -17.14
CA TYR C 22 17.42 10.81 -16.35
C TYR C 22 18.07 9.44 -16.38
N VAL C 23 19.38 9.38 -16.20
CA VAL C 23 20.07 8.09 -16.15
C VAL C 23 20.59 7.82 -14.75
N ILE C 24 20.78 6.56 -14.42
CA ILE C 24 21.43 6.14 -13.19
C ILE C 24 22.95 6.23 -13.36
N TYR C 25 23.65 6.65 -12.31
CA TYR C 25 25.10 6.55 -12.26
C TYR C 25 25.51 5.80 -10.99
N SER C 26 26.71 5.21 -11.03
CA SER C 26 27.26 4.46 -9.93
C SER C 26 28.76 4.77 -9.80
N ARG C 27 29.14 5.46 -8.72
CA ARG C 27 30.54 5.85 -8.52
C ARG C 27 31.02 5.45 -7.13
N THR C 28 32.33 5.46 -6.90
CA THR C 28 32.92 5.01 -5.62
C THR C 28 33.08 6.11 -4.59
N GLU C 29 33.14 7.37 -5.03
CA GLU C 29 33.33 8.48 -4.12
C GLU C 29 32.35 9.63 -4.35
N ASN C 30 32.13 10.41 -3.31
CA ASN C 30 31.26 11.60 -3.34
C ASN C 30 29.77 11.28 -3.41
N PRO C 31 29.12 11.18 -2.24
CA PRO C 31 27.67 10.90 -2.16
C PRO C 31 26.83 11.96 -2.89
N PRO C 32 25.65 11.56 -3.40
CA PRO C 32 25.15 10.19 -3.43
C PRO C 32 25.95 9.33 -4.44
N LEU C 33 26.37 8.16 -4.02
CA LEU C 33 27.21 7.28 -4.86
C LEU C 33 26.44 6.65 -6.03
N VAL C 34 25.14 6.44 -5.83
CA VAL C 34 24.22 6.00 -6.88
C VAL C 34 23.04 6.97 -6.84
N TRP C 35 22.76 7.60 -7.97
CA TRP C 35 21.64 8.53 -8.09
C TRP C 35 21.23 8.67 -9.54
N GLN C 36 20.27 9.55 -9.79
CA GLN C 36 19.82 9.84 -11.16
C GLN C 36 20.56 11.08 -11.62
N TYR C 37 20.71 11.24 -12.95
CA TYR C 37 21.50 12.34 -13.51
C TYR C 37 20.95 12.78 -14.86
N ASN C 38 20.96 14.10 -15.10
CA ASN C 38 20.36 14.69 -16.30
C ASN C 38 21.41 15.26 -17.27
N GLY C 39 22.68 15.12 -16.94
CA GLY C 39 23.75 15.77 -17.69
C GLY C 39 24.38 14.95 -18.80
N PRO C 40 25.61 15.34 -19.20
CA PRO C 40 26.38 14.67 -20.26
C PRO C 40 26.65 13.19 -19.99
N PRO C 41 26.96 12.41 -21.04
CA PRO C 41 27.31 11.01 -20.86
C PRO C 41 28.69 10.84 -20.23
N TYR C 42 28.76 10.08 -19.15
CA TYR C 42 30.02 9.79 -18.46
C TYR C 42 30.12 8.30 -18.20
N ASP C 43 31.36 7.79 -18.09
CA ASP C 43 31.55 6.35 -17.88
C ASP C 43 30.87 5.75 -16.66
N ASP C 44 30.63 6.54 -15.61
CA ASP C 44 30.00 6.00 -14.39
C ASP C 44 28.49 5.74 -14.54
N GLN C 45 27.96 6.07 -15.70
CA GLN C 45 26.59 5.74 -16.11
C GLN C 45 26.54 4.43 -16.91
N LEU C 46 27.70 3.82 -17.13
CA LEU C 46 27.77 2.59 -17.92
C LEU C 46 27.69 1.35 -17.04
N PHE C 47 26.82 0.42 -17.43
CA PHE C 47 26.68 -0.83 -16.70
C PHE C 47 26.73 -2.03 -17.64
N THR C 48 27.02 -3.21 -17.08
CA THR C 48 26.76 -4.47 -17.74
C THR C 48 25.93 -5.34 -16.79
N LEU C 49 25.43 -6.46 -17.30
CA LEU C 49 24.67 -7.41 -16.50
C LEU C 49 25.47 -8.67 -16.24
N ILE C 50 25.43 -9.15 -15.00
CA ILE C 50 25.85 -10.52 -14.70
C ILE C 50 24.57 -11.34 -14.67
N TYR C 51 24.51 -12.38 -15.49
CA TYR C 51 23.33 -13.25 -15.59
C TYR C 51 23.25 -14.21 -14.40
N GLY C 52 22.14 -14.16 -13.64
CA GLY C 52 21.94 -15.14 -12.58
C GLY C 52 21.63 -16.52 -13.16
N THR C 53 22.15 -17.57 -12.52
CA THR C 53 21.85 -18.94 -12.94
C THR C 53 21.34 -19.78 -11.76
N GLY C 54 20.86 -20.99 -12.04
CA GLY C 54 20.28 -21.85 -11.02
C GLY C 54 19.16 -21.12 -10.28
N PRO C 55 19.30 -20.93 -8.97
CA PRO C 55 18.24 -20.22 -8.22
C PRO C 55 18.12 -18.73 -8.53
N ARG C 56 19.08 -18.17 -9.28
CA ARG C 56 19.05 -16.75 -9.66
CA ARG C 56 19.00 -16.75 -9.64
C ARG C 56 18.66 -16.58 -11.12
N LYS C 57 18.23 -17.66 -11.76
CA LYS C 57 17.76 -17.55 -13.15
C LYS C 57 16.65 -16.51 -13.20
N ASN C 58 16.73 -15.63 -14.20
CA ASN C 58 15.79 -14.52 -14.36
C ASN C 58 16.06 -13.33 -13.44
N LEU C 59 17.12 -13.43 -12.64
CA LEU C 59 17.69 -12.29 -11.91
C LEU C 59 19.05 -11.90 -12.49
N TYR C 60 19.46 -10.65 -12.27
CA TYR C 60 20.70 -10.12 -12.84
C TYR C 60 21.41 -9.17 -11.87
N ALA C 61 22.74 -9.19 -11.87
CA ALA C 61 23.49 -8.16 -11.15
C ALA C 61 23.85 -7.02 -12.11
N ILE C 62 23.72 -5.79 -11.65
CA ILE C 62 23.96 -4.60 -12.49
C ILE C 62 25.32 -4.00 -12.12
N LYS C 63 26.31 -4.27 -12.97
CA LYS C 63 27.72 -4.00 -12.68
C LYS C 63 28.24 -2.75 -13.39
N SER C 64 28.83 -1.85 -12.60
CA SER C 64 29.48 -0.65 -13.12
C SER C 64 30.69 -0.97 -14.00
N VAL C 65 30.73 -0.40 -15.20
CA VAL C 65 31.91 -0.52 -16.09
C VAL C 65 33.19 0.06 -15.43
N PRO C 66 33.22 1.37 -15.13
CA PRO C 66 34.47 1.93 -14.59
C PRO C 66 34.95 1.35 -13.25
N ASN C 67 34.04 1.09 -12.30
CA ASN C 67 34.47 0.69 -10.95
C ASN C 67 34.15 -0.76 -10.53
N GLY C 68 33.31 -1.44 -11.28
CA GLY C 68 33.08 -2.88 -11.06
C GLY C 68 32.12 -3.21 -9.93
N ARG C 69 31.66 -2.19 -9.20
CA ARG C 69 30.65 -2.39 -8.16
C ARG C 69 29.28 -2.74 -8.76
N VAL C 70 28.48 -3.53 -8.04
CA VAL C 70 27.14 -3.87 -8.50
C VAL C 70 26.15 -3.08 -7.67
N LEU C 71 24.99 -2.78 -8.24
CA LEU C 71 23.96 -2.05 -7.52
C LEU C 71 23.34 -2.92 -6.44
N PHE C 72 22.77 -2.27 -5.43
CA PHE C 72 21.94 -2.99 -4.48
C PHE C 72 20.77 -2.10 -4.12
N SER C 73 19.68 -2.72 -3.69
CA SER C 73 18.50 -1.96 -3.28
C SER C 73 17.94 -2.65 -2.05
N ARG C 74 17.78 -1.88 -0.98
CA ARG C 74 17.47 -2.44 0.33
C ARG C 74 16.60 -1.48 1.12
N THR C 75 16.03 -1.98 2.21
CA THR C 75 15.18 -1.18 3.09
C THR C 75 15.76 -1.13 4.53
N SER C 76 16.89 -1.80 4.74
CA SER C 76 17.46 -1.96 6.07
CA SER C 76 17.46 -1.96 6.07
C SER C 76 18.26 -0.76 6.58
N ALA C 77 18.91 -0.04 5.67
CA ALA C 77 19.80 1.05 6.07
C ALA C 77 20.11 1.98 4.91
N SER C 78 20.36 3.24 5.25
CA SER C 78 20.82 4.24 4.29
C SER C 78 22.29 3.99 3.96
N PRO C 79 22.67 4.15 2.68
CA PRO C 79 21.81 4.49 1.54
C PRO C 79 20.98 3.28 1.06
N TYR C 80 19.69 3.51 0.78
CA TYR C 80 18.78 2.42 0.38
C TYR C 80 19.13 1.85 -0.98
N VAL C 81 19.61 2.71 -1.88
CA VAL C 81 20.10 2.27 -3.17
C VAL C 81 21.57 2.62 -3.23
N GLY C 82 22.40 1.64 -3.49
CA GLY C 82 23.83 1.92 -3.52
C GLY C 82 24.59 0.95 -4.38
N ASN C 83 25.90 0.91 -4.15
CA ASN C 83 26.77 0.00 -4.87
C ASN C 83 27.74 -0.70 -3.91
N ILE C 84 28.28 -1.82 -4.38
CA ILE C 84 29.17 -2.64 -3.58
C ILE C 84 29.96 -3.58 -4.49
N ALA C 85 31.20 -3.89 -4.09
CA ALA C 85 32.02 -4.82 -4.85
C ALA C 85 31.54 -6.25 -4.58
N GLY C 86 32.05 -7.22 -5.33
CA GLY C 86 31.77 -8.62 -5.01
C GLY C 86 30.97 -9.42 -6.02
N ASP C 87 30.65 -8.78 -7.16
CA ASP C 87 30.00 -9.47 -8.28
C ASP C 87 28.69 -10.19 -7.91
N GLY C 88 27.88 -9.55 -7.07
CA GLY C 88 26.61 -10.13 -6.65
C GLY C 88 26.70 -11.11 -5.50
N THR C 89 27.65 -10.88 -4.60
CA THR C 89 27.80 -11.67 -3.38
C THR C 89 26.54 -11.62 -2.49
N TYR C 90 25.89 -10.46 -2.46
CA TYR C 90 24.76 -10.21 -1.55
C TYR C 90 23.40 -10.36 -2.23
N ASN C 91 22.45 -10.91 -1.48
CA ASN C 91 21.10 -11.16 -1.97
C ASN C 91 20.46 -9.98 -2.69
N ASP C 92 20.59 -8.80 -2.09
CA ASP C 92 19.93 -7.61 -2.61
C ASP C 92 20.71 -6.99 -3.78
N ASN C 93 21.62 -7.76 -4.39
CA ASN C 93 22.30 -7.32 -5.59
C ASN C 93 21.60 -7.83 -6.85
N TRP C 94 20.53 -8.57 -6.64
CA TRP C 94 19.92 -9.31 -7.73
C TRP C 94 18.59 -8.77 -8.16
N PHE C 95 18.49 -8.43 -9.45
CA PHE C 95 17.34 -7.68 -9.94
C PHE C 95 16.61 -8.41 -11.03
N GLN C 96 15.29 -8.22 -11.05
CA GLN C 96 14.45 -8.75 -12.09
C GLN C 96 13.99 -7.57 -12.96
N PHE C 97 13.99 -7.78 -14.28
CA PHE C 97 13.49 -6.76 -15.19
C PHE C 97 12.08 -7.13 -15.67
N ILE C 98 11.09 -6.44 -15.13
CA ILE C 98 9.68 -6.82 -15.29
C ILE C 98 9.03 -5.84 -16.25
N GLN C 99 8.69 -6.34 -17.43
CA GLN C 99 8.01 -5.57 -18.46
C GLN C 99 6.73 -4.92 -17.92
N ASP C 100 6.50 -3.67 -18.31
CA ASP C 100 5.27 -2.95 -17.95
C ASP C 100 4.05 -3.56 -18.65
N ASP C 101 2.89 -3.50 -17.99
CA ASP C 101 1.67 -4.09 -18.51
C ASP C 101 1.02 -3.23 -19.62
N ASN C 102 1.30 -1.93 -19.63
CA ASN C 102 0.71 -1.01 -20.63
C ASN C 102 1.72 -0.62 -21.71
N ASP C 103 3.00 -0.59 -21.35
CA ASP C 103 4.07 -0.20 -22.27
C ASP C 103 5.10 -1.33 -22.38
N PRO C 104 5.05 -2.09 -23.49
CA PRO C 104 5.92 -3.25 -23.69
C PRO C 104 7.38 -2.87 -23.90
N ASN C 105 7.63 -1.59 -24.12
CA ASN C 105 8.97 -1.10 -24.37
C ASN C 105 9.79 -0.75 -23.13
N SER C 106 9.14 -0.68 -21.98
CA SER C 106 9.81 -0.34 -20.72
C SER C 106 9.57 -1.36 -19.62
N PHE C 107 10.33 -1.22 -18.52
CA PHE C 107 10.34 -2.22 -17.47
C PHE C 107 10.67 -1.62 -16.09
N ARG C 108 10.31 -2.39 -15.07
CA ARG C 108 10.71 -2.07 -13.72
C ARG C 108 11.99 -2.81 -13.33
N ILE C 109 12.80 -2.16 -12.51
CA ILE C 109 14.02 -2.76 -11.95
C ILE C 109 13.65 -3.21 -10.55
N TYR C 110 13.34 -4.50 -10.44
CA TYR C 110 12.73 -5.05 -9.24
C TYR C 110 13.75 -5.86 -8.43
N ASN C 111 13.77 -5.59 -7.13
CA ASN C 111 14.64 -6.32 -6.23
C ASN C 111 13.89 -7.37 -5.41
N LEU C 112 14.18 -8.64 -5.68
CA LEU C 112 13.47 -9.73 -4.99
C LEU C 112 13.76 -9.77 -3.49
N ALA C 113 14.99 -9.42 -3.10
CA ALA C 113 15.38 -9.50 -1.69
C ALA C 113 14.62 -8.47 -0.85
N SER C 114 14.44 -7.27 -1.41
CA SER C 114 13.82 -6.18 -0.66
C SER C 114 12.40 -5.85 -1.12
N ASP C 115 11.95 -6.49 -2.21
CA ASP C 115 10.60 -6.25 -2.78
C ASP C 115 10.41 -4.77 -3.09
N THR C 116 11.39 -4.20 -3.79
CA THR C 116 11.37 -2.79 -4.16
C THR C 116 11.60 -2.64 -5.66
N VAL C 117 11.11 -1.53 -6.22
CA VAL C 117 11.46 -1.10 -7.57
C VAL C 117 12.21 0.24 -7.49
N LEU C 118 13.06 0.53 -8.48
CA LEU C 118 13.74 1.84 -8.58
C LEU C 118 12.85 2.85 -9.32
N TYR C 119 12.85 4.11 -8.86
CA TYR C 119 12.04 5.13 -9.51
C TYR C 119 12.87 6.38 -9.73
N SER C 120 12.44 7.17 -10.70
CA SER C 120 13.09 8.42 -11.07
C SER C 120 12.02 9.45 -11.30
N ARG C 121 12.06 10.54 -10.54
CA ARG C 121 11.05 11.60 -10.70
C ARG C 121 11.67 12.98 -10.53
N THR C 122 10.91 14.02 -10.86
CA THR C 122 11.40 15.40 -10.78
C THR C 122 10.83 16.18 -9.58
N THR C 123 9.89 15.57 -8.86
CA THR C 123 9.05 16.31 -7.88
C THR C 123 9.48 16.21 -6.41
N ALA C 124 8.86 15.31 -5.66
CA ALA C 124 9.08 15.20 -4.22
C ALA C 124 10.38 14.47 -3.88
N ASP C 125 11.01 14.88 -2.77
CA ASP C 125 12.21 14.23 -2.23
C ASP C 125 11.85 12.90 -1.57
N PRO C 126 12.69 11.87 -1.74
CA PRO C 126 13.86 11.81 -2.64
C PRO C 126 13.44 11.55 -4.08
N LYS C 127 14.03 12.29 -5.01
CA LYS C 127 13.64 12.24 -6.42
C LYS C 127 14.09 10.94 -7.12
N PHE C 128 15.10 10.29 -6.54
CA PHE C 128 15.53 8.95 -6.96
C PHE C 128 15.59 8.04 -5.74
N GLY C 129 15.17 6.79 -5.90
CA GLY C 129 15.24 5.83 -4.81
C GLY C 129 14.57 4.52 -5.13
N ASN C 130 14.19 3.82 -4.07
CA ASN C 130 13.45 2.57 -4.18
C ASN C 130 12.09 2.69 -3.48
N PHE C 131 11.19 1.74 -3.73
CA PHE C 131 9.78 1.89 -3.38
C PHE C 131 9.10 0.53 -3.37
N THR C 132 8.28 0.30 -2.35
CA THR C 132 7.41 -0.87 -2.28
C THR C 132 5.98 -0.35 -2.32
N GLY C 133 5.30 -0.57 -3.43
CA GLY C 133 3.92 -0.15 -3.55
C GLY C 133 3.41 -0.25 -4.97
N ALA C 134 2.32 0.46 -5.25
CA ALA C 134 1.65 0.42 -6.56
C ALA C 134 2.60 0.72 -7.72
N LYS C 135 2.17 0.35 -8.91
CA LYS C 135 2.97 0.55 -10.11
C LYS C 135 2.71 1.95 -10.68
N TYR C 136 3.72 2.80 -10.66
CA TYR C 136 3.59 4.11 -11.26
C TYR C 136 4.56 4.23 -12.42
N ASP C 137 4.26 5.16 -13.33
CA ASP C 137 5.07 5.36 -14.54
C ASP C 137 6.52 5.82 -14.29
N ASP C 138 6.77 6.47 -13.15
CA ASP C 138 8.13 6.90 -12.81
C ASP C 138 9.06 5.74 -12.43
N GLN C 139 8.53 4.52 -12.40
CA GLN C 139 9.33 3.31 -12.12
C GLN C 139 9.80 2.62 -13.39
N LEU C 140 9.50 3.21 -14.54
CA LEU C 140 9.78 2.59 -15.83
C LEU C 140 11.10 3.03 -16.42
N TRP C 141 11.88 2.04 -16.92
CA TRP C 141 13.24 2.25 -17.41
C TRP C 141 13.47 1.61 -18.76
N HIS C 142 14.48 2.13 -19.46
CA HIS C 142 15.02 1.50 -20.67
C HIS C 142 16.43 1.04 -20.50
N PHE C 143 16.82 0.04 -21.27
CA PHE C 143 18.23 -0.23 -21.52
C PHE C 143 18.64 0.61 -22.71
N GLU C 144 19.59 1.52 -22.52
CA GLU C 144 20.14 2.30 -23.62
C GLU C 144 21.54 1.78 -24.00
N LEU C 145 21.59 0.98 -25.06
CA LEU C 145 22.85 0.38 -25.53
C LEU C 145 23.81 1.45 -26.03
N VAL C 146 25.11 1.21 -25.85
CA VAL C 146 26.13 2.16 -26.29
C VAL C 146 27.04 1.55 -27.36
N VAL D 1 4.33 -6.03 -5.14
CA VAL D 1 4.33 -6.07 -3.66
C VAL D 1 4.02 -7.49 -3.21
N ASN D 2 4.83 -8.05 -2.31
CA ASN D 2 4.55 -9.38 -1.78
C ASN D 2 3.27 -9.37 -0.98
N PHE D 3 2.51 -10.46 -1.05
CA PHE D 3 1.27 -10.54 -0.29
C PHE D 3 1.61 -10.40 1.20
N PRO D 4 0.93 -9.47 1.91
CA PRO D 4 1.30 -9.17 3.30
C PRO D 4 0.82 -10.19 4.34
N ASN D 5 -0.03 -11.13 3.95
CA ASN D 5 -0.56 -12.13 4.88
C ASN D 5 -0.32 -13.55 4.42
N ILE D 6 0.95 -13.88 4.21
CA ILE D 6 1.38 -15.22 3.82
C ILE D 6 1.44 -16.08 5.09
N PRO D 7 0.77 -17.26 5.06
CA PRO D 7 0.74 -18.07 6.28
C PRO D 7 2.15 -18.44 6.78
N ALA D 8 2.31 -18.51 8.10
CA ALA D 8 3.59 -18.90 8.70
C ALA D 8 3.98 -20.33 8.26
N GLU D 9 5.28 -20.64 8.23
CA GLU D 9 5.72 -21.99 7.87
C GLU D 9 5.00 -23.01 8.75
N GLY D 10 4.53 -24.10 8.13
CA GLY D 10 3.82 -25.15 8.86
C GLY D 10 2.32 -24.97 9.03
N VAL D 11 1.84 -23.74 8.82
CA VAL D 11 0.40 -23.47 8.91
C VAL D 11 -0.26 -24.06 7.65
N GLN D 12 -1.41 -24.70 7.84
CA GLN D 12 -2.08 -25.38 6.74
C GLN D 12 -3.16 -24.49 6.14
N PHE D 13 -3.38 -24.63 4.85
CA PHE D 13 -4.36 -23.80 4.15
C PHE D 13 -4.76 -24.43 2.83
N ARG D 14 -5.87 -23.95 2.27
CA ARG D 14 -6.19 -24.25 0.88
C ARG D 14 -5.90 -23.04 0.02
N LEU D 15 -5.66 -23.29 -1.27
CA LEU D 15 -5.53 -22.23 -2.26
C LEU D 15 -6.82 -22.19 -3.08
N ARG D 16 -7.60 -21.13 -2.88
CA ARG D 16 -8.87 -20.98 -3.57
C ARG D 16 -8.86 -19.77 -4.48
N ALA D 17 -9.28 -19.98 -5.72
CA ALA D 17 -9.33 -18.93 -6.72
C ALA D 17 -10.43 -17.97 -6.34
N ARG D 18 -10.14 -16.68 -6.45
CA ARG D 18 -11.11 -15.65 -6.08
C ARG D 18 -12.39 -15.75 -6.92
N ASP D 19 -12.25 -15.79 -8.24
CA ASP D 19 -13.43 -15.68 -9.12
C ASP D 19 -14.21 -16.97 -9.30
N THR D 20 -13.53 -18.06 -9.66
CA THR D 20 -14.21 -19.35 -9.79
C THR D 20 -14.65 -19.96 -8.46
N GLY D 21 -13.86 -19.71 -7.41
CA GLY D 21 -14.10 -20.37 -6.13
C GLY D 21 -13.57 -21.78 -6.09
N TYR D 22 -12.77 -22.15 -7.10
CA TYR D 22 -12.21 -23.50 -7.16
C TYR D 22 -10.95 -23.57 -6.30
N VAL D 23 -10.68 -24.76 -5.77
CA VAL D 23 -9.45 -25.04 -5.04
C VAL D 23 -8.46 -25.87 -5.86
N ILE D 24 -7.18 -25.77 -5.53
CA ILE D 24 -6.14 -26.60 -6.10
C ILE D 24 -6.05 -27.88 -5.30
N TYR D 25 -6.00 -29.01 -5.99
CA TYR D 25 -5.63 -30.26 -5.36
C TYR D 25 -4.28 -30.72 -5.91
N SER D 26 -3.55 -31.45 -5.08
CA SER D 26 -2.32 -32.12 -5.50
C SER D 26 -2.34 -33.55 -4.97
N ARG D 27 -2.61 -34.50 -5.87
CA ARG D 27 -2.69 -35.92 -5.52
C ARG D 27 -1.52 -36.71 -6.11
N THR D 28 -1.44 -37.99 -5.76
CA THR D 28 -0.32 -38.85 -6.19
C THR D 28 -0.67 -39.80 -7.33
N GLU D 29 -1.96 -39.87 -7.67
CA GLU D 29 -2.43 -40.73 -8.76
C GLU D 29 -3.44 -40.00 -9.65
N ASN D 30 -3.58 -40.49 -10.88
CA ASN D 30 -4.61 -40.02 -11.81
C ASN D 30 -4.42 -38.61 -12.37
N PRO D 31 -3.78 -38.52 -13.54
CA PRO D 31 -3.66 -37.25 -14.28
C PRO D 31 -5.01 -36.58 -14.50
N PRO D 32 -5.09 -35.26 -14.29
CA PRO D 32 -3.96 -34.43 -13.82
C PRO D 32 -3.76 -34.52 -12.30
N LEU D 33 -2.51 -34.72 -11.88
CA LEU D 33 -2.15 -34.78 -10.46
C LEU D 33 -2.37 -33.46 -9.73
N VAL D 34 -2.17 -32.35 -10.44
CA VAL D 34 -2.49 -31.03 -9.90
C VAL D 34 -3.52 -30.38 -10.83
N TRP D 35 -4.64 -29.97 -10.26
CA TRP D 35 -5.70 -29.33 -11.04
C TRP D 35 -6.59 -28.57 -10.12
N GLN D 36 -7.65 -27.99 -10.67
CA GLN D 36 -8.64 -27.26 -9.89
C GLN D 36 -9.87 -28.13 -9.63
N TYR D 37 -10.69 -27.74 -8.66
CA TYR D 37 -11.82 -28.57 -8.23
C TYR D 37 -12.93 -27.74 -7.57
N ASN D 38 -14.19 -28.04 -7.92
CA ASN D 38 -15.33 -27.23 -7.49
C ASN D 38 -16.14 -27.75 -6.30
N GLY D 39 -15.80 -28.92 -5.78
CA GLY D 39 -16.55 -29.51 -4.67
C GLY D 39 -15.98 -29.26 -3.28
N PRO D 40 -16.41 -30.07 -2.29
CA PRO D 40 -16.05 -29.90 -0.88
C PRO D 40 -14.59 -30.29 -0.53
N PRO D 41 -14.14 -29.95 0.69
CA PRO D 41 -12.80 -30.26 1.20
C PRO D 41 -12.39 -31.74 1.17
N TYR D 42 -11.23 -32.01 0.60
CA TYR D 42 -10.55 -33.29 0.74
C TYR D 42 -9.11 -33.00 1.10
N ASP D 43 -8.42 -33.96 1.70
CA ASP D 43 -7.05 -33.75 2.20
C ASP D 43 -6.06 -33.22 1.17
N ASP D 44 -6.23 -33.60 -0.10
CA ASP D 44 -5.23 -33.23 -1.11
C ASP D 44 -5.35 -31.78 -1.59
N GLN D 45 -6.26 -31.02 -0.96
CA GLN D 45 -6.36 -29.58 -1.11
C GLN D 45 -5.55 -28.86 -0.03
N LEU D 46 -5.00 -29.61 0.91
CA LEU D 46 -4.26 -29.02 2.02
C LEU D 46 -2.78 -28.84 1.71
N PHE D 47 -2.31 -27.61 1.90
CA PHE D 47 -0.91 -27.26 1.65
C PHE D 47 -0.27 -26.56 2.84
N THR D 48 1.06 -26.60 2.85
CA THR D 48 1.84 -25.76 3.74
C THR D 48 2.99 -25.09 2.96
N LEU D 49 3.61 -24.07 3.55
CA LEU D 49 4.76 -23.42 2.90
C LEU D 49 6.09 -23.77 3.53
N ILE D 50 7.08 -24.05 2.68
CA ILE D 50 8.48 -24.03 3.07
C ILE D 50 9.00 -22.64 2.70
N TYR D 51 9.51 -21.92 3.70
CA TYR D 51 10.02 -20.55 3.50
C TYR D 51 11.40 -20.56 2.85
N GLY D 52 11.52 -19.89 1.70
CA GLY D 52 12.82 -19.68 1.06
C GLY D 52 13.73 -18.79 1.88
N THR D 53 15.03 -19.07 1.86
CA THR D 53 16.03 -18.18 2.47
C THR D 53 17.20 -17.94 1.51
N GLY D 54 18.05 -16.98 1.86
CA GLY D 54 19.21 -16.63 1.04
C GLY D 54 18.71 -16.18 -0.32
N PRO D 55 19.18 -16.86 -1.38
CA PRO D 55 18.72 -16.59 -2.75
C PRO D 55 17.22 -16.79 -2.97
N ARG D 56 16.57 -17.57 -2.09
CA ARG D 56 15.14 -17.84 -2.21
C ARG D 56 14.29 -17.04 -1.21
N LYS D 57 14.87 -15.99 -0.63
CA LYS D 57 14.10 -15.11 0.26
C LYS D 57 12.94 -14.48 -0.51
N ASN D 58 11.75 -14.52 0.08
CA ASN D 58 10.51 -14.05 -0.55
C ASN D 58 9.93 -15.03 -1.60
N LEU D 59 10.57 -16.21 -1.71
CA LEU D 59 10.01 -17.36 -2.43
C LEU D 59 9.62 -18.46 -1.47
N TYR D 60 8.71 -19.32 -1.91
CA TYR D 60 8.16 -20.39 -1.07
C TYR D 60 7.91 -21.64 -1.88
N ALA D 61 8.12 -22.79 -1.24
CA ALA D 61 7.72 -24.07 -1.80
C ALA D 61 6.36 -24.45 -1.24
N ILE D 62 5.47 -24.93 -2.11
CA ILE D 62 4.08 -25.21 -1.73
C ILE D 62 3.95 -26.72 -1.56
N LYS D 63 3.89 -27.15 -0.31
CA LYS D 63 4.05 -28.53 0.06
C LYS D 63 2.71 -29.15 0.47
N SER D 64 2.41 -30.29 -0.14
CA SER D 64 1.18 -31.02 0.15
C SER D 64 1.19 -31.58 1.56
N VAL D 65 0.07 -31.39 2.26
CA VAL D 65 -0.13 -31.94 3.61
C VAL D 65 -0.18 -33.49 3.63
N PRO D 66 -1.09 -34.12 2.86
CA PRO D 66 -1.16 -35.58 2.89
C PRO D 66 0.03 -36.30 2.27
N ASN D 67 0.57 -35.78 1.16
CA ASN D 67 1.59 -36.53 0.41
C ASN D 67 3.00 -35.94 0.37
N GLY D 68 3.15 -34.71 0.86
CA GLY D 68 4.47 -34.12 1.07
C GLY D 68 5.22 -33.65 -0.16
N ARG D 69 4.65 -33.89 -1.34
CA ARG D 69 5.23 -33.40 -2.58
C ARG D 69 5.01 -31.90 -2.72
N VAL D 70 5.94 -31.22 -3.37
CA VAL D 70 5.80 -29.78 -3.63
C VAL D 70 5.36 -29.53 -5.06
N LEU D 71 4.65 -28.43 -5.26
CA LEU D 71 4.21 -28.03 -6.60
C LEU D 71 5.36 -27.55 -7.48
N PHE D 72 5.21 -27.73 -8.78
CA PHE D 72 6.08 -27.04 -9.72
C PHE D 72 5.22 -26.39 -10.81
N SER D 73 5.75 -25.32 -11.38
CA SER D 73 5.13 -24.66 -12.50
C SER D 73 6.21 -24.34 -13.51
N ARG D 74 6.07 -24.90 -14.71
CA ARG D 74 7.11 -24.82 -15.74
C ARG D 74 6.49 -24.66 -17.12
N THR D 75 7.30 -24.32 -18.11
CA THR D 75 6.82 -24.15 -19.48
C THR D 75 7.57 -25.12 -20.39
N SER D 76 8.55 -25.80 -19.82
CA SER D 76 9.45 -26.68 -20.56
CA SER D 76 9.45 -26.68 -20.56
C SER D 76 8.74 -27.84 -21.24
N ALA D 77 8.00 -28.62 -20.44
CA ALA D 77 7.30 -29.83 -20.91
C ALA D 77 6.10 -30.17 -20.03
N SER D 78 5.19 -30.96 -20.58
CA SER D 78 4.01 -31.45 -19.85
C SER D 78 4.35 -32.51 -18.80
N PRO D 79 3.62 -32.52 -17.66
CA PRO D 79 2.56 -31.56 -17.35
C PRO D 79 3.16 -30.22 -16.91
N TYR D 80 2.48 -29.12 -17.20
CA TYR D 80 3.01 -27.78 -16.92
C TYR D 80 2.97 -27.38 -15.45
N VAL D 81 1.90 -27.79 -14.78
CA VAL D 81 1.76 -27.62 -13.35
C VAL D 81 1.65 -29.02 -12.78
N GLY D 82 2.40 -29.32 -11.73
CA GLY D 82 2.39 -30.66 -11.17
C GLY D 82 3.07 -30.70 -9.82
N ASN D 83 3.33 -31.91 -9.32
CA ASN D 83 4.03 -32.07 -8.05
C ASN D 83 5.22 -33.01 -8.13
N ILE D 84 6.09 -32.94 -7.12
CA ILE D 84 7.33 -33.72 -7.10
C ILE D 84 7.85 -33.80 -5.67
N ALA D 85 8.60 -34.86 -5.35
CA ALA D 85 9.26 -34.98 -4.04
C ALA D 85 10.49 -34.08 -3.97
N GLY D 86 11.13 -34.01 -2.81
CA GLY D 86 12.44 -33.35 -2.70
C GLY D 86 12.50 -31.97 -2.05
N ASP D 87 11.39 -31.53 -1.45
CA ASP D 87 11.36 -30.32 -0.63
C ASP D 87 11.97 -29.07 -1.29
N GLY D 88 11.64 -28.84 -2.56
CA GLY D 88 12.14 -27.66 -3.28
C GLY D 88 13.51 -27.86 -3.90
N THR D 89 13.81 -29.09 -4.29
CA THR D 89 15.05 -29.43 -4.98
C THR D 89 15.24 -28.69 -6.30
N TYR D 90 14.14 -28.44 -7.00
CA TYR D 90 14.17 -27.83 -8.32
C TYR D 90 13.81 -26.36 -8.30
N ASN D 91 14.50 -25.62 -9.17
CA ASN D 91 14.28 -24.20 -9.39
C ASN D 91 12.80 -23.83 -9.52
N ASP D 92 12.07 -24.56 -10.37
CA ASP D 92 10.64 -24.27 -10.60
C ASP D 92 9.69 -24.75 -9.46
N ASN D 93 10.25 -25.04 -8.30
CA ASN D 93 9.45 -25.36 -7.11
C ASN D 93 9.19 -24.12 -6.27
N TRP D 94 9.78 -22.99 -6.65
CA TRP D 94 9.78 -21.80 -5.80
C TRP D 94 8.89 -20.72 -6.31
N PHE D 95 7.94 -20.32 -5.46
CA PHE D 95 6.86 -19.42 -5.85
C PHE D 95 6.89 -18.12 -5.07
N GLN D 96 6.52 -17.05 -5.76
CA GLN D 96 6.37 -15.76 -5.11
C GLN D 96 4.89 -15.45 -5.03
N PHE D 97 4.43 -14.96 -3.88
CA PHE D 97 3.05 -14.54 -3.76
C PHE D 97 2.92 -13.03 -3.91
N ILE D 98 2.37 -12.60 -5.04
CA ILE D 98 2.36 -11.19 -5.45
C ILE D 98 0.96 -10.62 -5.31
N GLN D 99 0.80 -9.70 -4.37
CA GLN D 99 -0.48 -9.05 -4.10
C GLN D 99 -1.00 -8.33 -5.33
N ASP D 100 -2.29 -8.50 -5.63
CA ASP D 100 -2.91 -7.74 -6.72
C ASP D 100 -2.85 -6.24 -6.47
N ASP D 101 -2.76 -5.48 -7.55
CA ASP D 101 -2.65 -4.02 -7.52
C ASP D 101 -3.95 -3.36 -7.08
N ASN D 102 -5.09 -3.97 -7.43
CA ASN D 102 -6.41 -3.40 -7.15
C ASN D 102 -7.08 -4.03 -5.94
N ASP D 103 -6.95 -5.34 -5.83
CA ASP D 103 -7.58 -6.09 -4.77
C ASP D 103 -6.49 -6.60 -3.81
N PRO D 104 -6.36 -5.96 -2.63
CA PRO D 104 -5.32 -6.31 -1.66
C PRO D 104 -5.54 -7.66 -0.96
N ASN D 105 -6.73 -8.23 -1.07
CA ASN D 105 -7.04 -9.50 -0.41
C ASN D 105 -6.59 -10.70 -1.24
N SER D 106 -6.14 -10.47 -2.46
CA SER D 106 -5.71 -11.58 -3.29
C SER D 106 -4.34 -11.37 -3.91
N PHE D 107 -3.79 -12.44 -4.45
CA PHE D 107 -2.43 -12.46 -4.92
C PHE D 107 -2.31 -13.41 -6.09
N ARG D 108 -1.23 -13.27 -6.83
CA ARG D 108 -0.86 -14.23 -7.86
C ARG D 108 0.19 -15.19 -7.34
N ILE D 109 0.13 -16.44 -7.79
CA ILE D 109 1.11 -17.45 -7.43
C ILE D 109 2.07 -17.49 -8.60
N TYR D 110 3.21 -16.82 -8.40
CA TYR D 110 4.16 -16.55 -9.48
C TYR D 110 5.39 -17.43 -9.37
N ASN D 111 5.84 -17.97 -10.49
CA ASN D 111 7.03 -18.81 -10.50
C ASN D 111 8.21 -18.10 -11.15
N LEU D 112 9.27 -17.84 -10.40
CA LEU D 112 10.43 -17.08 -10.90
C LEU D 112 11.21 -17.86 -11.97
N ALA D 113 11.34 -19.17 -11.79
CA ALA D 113 12.03 -20.00 -12.77
C ALA D 113 11.38 -19.93 -14.16
N SER D 114 10.04 -20.02 -14.20
CA SER D 114 9.30 -20.13 -15.47
C SER D 114 8.59 -18.85 -15.93
N ASP D 115 8.60 -17.83 -15.08
CA ASP D 115 7.92 -16.56 -15.37
C ASP D 115 6.43 -16.78 -15.72
N THR D 116 5.75 -17.54 -14.85
CA THR D 116 4.34 -17.84 -15.04
C THR D 116 3.55 -17.60 -13.77
N VAL D 117 2.25 -17.33 -13.93
CA VAL D 117 1.31 -17.36 -12.81
C VAL D 117 0.30 -18.50 -13.01
N LEU D 118 -0.26 -19.00 -11.91
CA LEU D 118 -1.34 -19.99 -11.99
C LEU D 118 -2.68 -19.31 -12.26
N TYR D 119 -3.59 -20.02 -12.94
CA TYR D 119 -4.93 -19.46 -13.19
C TYR D 119 -6.04 -20.50 -13.04
N SER D 120 -7.25 -20.02 -12.79
CA SER D 120 -8.44 -20.83 -12.69
C SER D 120 -9.57 -20.15 -13.43
N ARG D 121 -10.16 -20.85 -14.39
CA ARG D 121 -11.30 -20.33 -15.16
C ARG D 121 -12.32 -21.45 -15.45
N THR D 122 -13.50 -21.04 -15.88
CA THR D 122 -14.61 -21.98 -16.12
C THR D 122 -14.79 -22.33 -17.61
N THR D 123 -14.03 -21.66 -18.48
CA THR D 123 -14.33 -21.63 -19.93
C THR D 123 -13.41 -22.47 -20.82
N ALA D 124 -12.36 -21.86 -21.37
CA ALA D 124 -11.51 -22.51 -22.35
C ALA D 124 -10.56 -23.53 -21.73
N ASP D 125 -10.22 -24.57 -22.49
CA ASP D 125 -9.26 -25.58 -22.06
C ASP D 125 -7.84 -25.14 -22.41
N PRO D 126 -6.86 -25.38 -21.52
CA PRO D 126 -7.03 -25.96 -20.19
C PRO D 126 -7.62 -24.96 -19.18
N LYS D 127 -8.61 -25.41 -18.39
CA LYS D 127 -9.31 -24.52 -17.45
C LYS D 127 -8.47 -24.14 -16.21
N PHE D 128 -7.47 -24.96 -15.90
CA PHE D 128 -6.47 -24.67 -14.89
C PHE D 128 -5.07 -24.80 -15.51
N GLY D 129 -4.15 -23.93 -15.13
CA GLY D 129 -2.76 -24.06 -15.56
C GLY D 129 -1.90 -22.85 -15.26
N ASN D 130 -0.80 -22.72 -15.99
CA ASN D 130 0.08 -21.56 -15.84
C ASN D 130 0.14 -20.72 -17.11
N PHE D 131 0.68 -19.51 -16.99
CA PHE D 131 0.54 -18.52 -18.05
C PHE D 131 1.57 -17.41 -17.90
N THR D 132 2.17 -17.03 -19.04
CA THR D 132 3.06 -15.88 -19.10
C THR D 132 2.39 -14.78 -19.89
N GLY D 133 1.97 -13.71 -19.21
CA GLY D 133 1.36 -12.58 -19.87
C GLY D 133 0.75 -11.56 -18.92
N ALA D 134 -0.21 -10.81 -19.43
CA ALA D 134 -0.85 -9.75 -18.68
C ALA D 134 -1.58 -10.26 -17.44
N LYS D 135 -1.81 -9.34 -16.51
CA LYS D 135 -2.48 -9.63 -15.25
C LYS D 135 -3.99 -9.66 -15.45
N TYR D 136 -4.59 -10.84 -15.22
CA TYR D 136 -6.04 -11.00 -15.36
C TYR D 136 -6.64 -11.52 -14.07
N ASP D 137 -7.93 -11.23 -13.87
CA ASP D 137 -8.63 -11.61 -12.65
C ASP D 137 -8.61 -13.11 -12.35
N ASP D 138 -8.57 -13.93 -13.39
CA ASP D 138 -8.60 -15.39 -13.20
C ASP D 138 -7.28 -15.96 -12.62
N GLN D 139 -6.31 -15.08 -12.41
CA GLN D 139 -5.02 -15.43 -11.80
C GLN D 139 -4.99 -15.12 -10.29
N LEU D 140 -6.11 -14.65 -9.74
CA LEU D 140 -6.16 -14.19 -8.35
C LEU D 140 -6.60 -15.27 -7.37
N TRP D 141 -5.80 -15.46 -6.31
CA TRP D 141 -6.00 -16.52 -5.31
C TRP D 141 -6.13 -16.01 -3.91
N HIS D 142 -6.68 -16.86 -3.05
CA HIS D 142 -6.74 -16.63 -1.62
C HIS D 142 -6.06 -17.73 -0.88
N PHE D 143 -5.45 -17.38 0.26
CA PHE D 143 -5.07 -18.37 1.25
C PHE D 143 -6.30 -18.63 2.11
N GLU D 144 -6.78 -19.87 2.10
CA GLU D 144 -7.93 -20.28 2.92
C GLU D 144 -7.42 -21.12 4.09
N LEU D 145 -7.32 -20.49 5.25
CA LEU D 145 -6.78 -21.12 6.45
C LEU D 145 -7.76 -22.19 6.98
N VAL D 146 -7.21 -23.26 7.55
CA VAL D 146 -8.02 -24.38 8.07
C VAL D 146 -7.86 -24.53 9.57
#